data_4CY2
#
_entry.id   4CY2
#
_cell.length_a   81.590
_cell.length_b   86.600
_cell.length_c   45.080
_cell.angle_alpha   90.00
_cell.angle_beta   90.00
_cell.angle_gamma   90.00
#
_symmetry.space_group_name_H-M   'P 21 21 2'
#
loop_
_entity.id
_entity.type
_entity.pdbx_description
1 polymer 'WD REPEAT-CONTAINING PROTEIN 5'
2 polymer 'KAT8 REGULATORY NSL COMPLEX SUBUNIT 2'
3 polymer 'KAT8 REGULATORY NSL COMPLEX SUBUNIT 1'
4 water water
#
loop_
_entity_poly.entity_id
_entity_poly.type
_entity_poly.pdbx_seq_one_letter_code
_entity_poly.pdbx_strand_id
1 'polypeptide(L)'
;GAMGATQSKPTPVKPNYALKFTLAGHTKAVSSVKFSPNGEWLASSSADKLIKIWGAYDGKFEKTISGHKLGISDVAWSSD
SNLLVSASDDKTLKIWDVSSGKCLKTLKGHSNYVFCCNFNPQSNLIVSGSFDESVRIWDVKTGKCLKTLPAHSDPVSAVH
FNRDGSLIVSSSYDGLCRIWDTASGQCLKTLIDDDNPPVSFVKFSPNGKYILAATLDNTLKLWDYSKGKCLKTYTGHKNE
KYCIFANFSVTGGKWIVSGSEDNLVYIWNLQTKEIVQKLQGHTDVVISTACHPTENIIASAALENDKTIKLWKSDC
;
A
2 'polypeptide(L)' YEFSDDLDVVGDG C
3 'polypeptide(L)' DGTCVAARTRPVLSY D
#
# COMPACT_ATOMS: atom_id res chain seq x y z
N VAL A 13 7.30 2.82 -25.96
CA VAL A 13 5.91 2.37 -25.67
C VAL A 13 5.86 1.21 -24.65
N LYS A 14 6.98 0.50 -24.48
CA LYS A 14 7.10 -0.54 -23.44
C LYS A 14 8.28 -0.24 -22.53
N PRO A 15 8.13 -0.46 -21.20
CA PRO A 15 9.28 -0.31 -20.32
C PRO A 15 10.14 -1.57 -20.38
N ASN A 16 11.37 -1.48 -19.88
CA ASN A 16 12.25 -2.64 -19.81
C ASN A 16 12.94 -2.75 -18.45
N TYR A 17 12.12 -2.91 -17.42
CA TYR A 17 12.62 -3.14 -16.08
C TYR A 17 13.48 -4.41 -16.02
N ALA A 18 14.62 -4.31 -15.33
CA ALA A 18 15.54 -5.43 -15.16
C ALA A 18 16.03 -5.44 -13.71
N LEU A 19 16.27 -6.62 -13.17
CA LEU A 19 16.67 -6.77 -11.78
C LEU A 19 18.06 -6.17 -11.54
N LYS A 20 18.17 -5.33 -10.52
CA LYS A 20 19.44 -4.70 -10.17
C LYS A 20 19.96 -5.13 -8.79
N PHE A 21 19.07 -5.26 -7.82
CA PHE A 21 19.47 -5.68 -6.48
C PHE A 21 18.43 -6.58 -5.84
N THR A 22 18.91 -7.55 -5.06
CA THR A 22 18.05 -8.36 -4.20
C THR A 22 18.44 -8.12 -2.75
N LEU A 23 17.44 -7.85 -1.93
CA LEU A 23 17.64 -7.41 -0.55
C LEU A 23 17.09 -8.47 0.40
N ALA A 24 17.99 -9.14 1.11
CA ALA A 24 17.62 -10.22 2.03
C ALA A 24 17.92 -9.83 3.47
N GLY A 25 17.06 -10.23 4.39
CA GLY A 25 17.25 -9.89 5.80
C GLY A 25 16.07 -10.23 6.69
N HIS A 26 14.86 -10.01 6.21
CA HIS A 26 13.68 -10.46 6.94
C HIS A 26 13.68 -11.98 7.07
N THR A 27 13.22 -12.46 8.23
CA THR A 27 13.21 -13.88 8.53
C THR A 27 11.81 -14.50 8.40
N LYS A 28 10.82 -13.67 8.11
CA LYS A 28 9.46 -14.11 7.79
C LYS A 28 8.99 -13.36 6.57
N ALA A 29 7.82 -13.75 6.07
CA ALA A 29 7.17 -13.05 4.96
C ALA A 29 7.26 -11.53 5.08
N VAL A 30 7.59 -10.87 3.97
CA VAL A 30 7.53 -9.42 3.89
C VAL A 30 6.07 -9.05 3.60
N SER A 31 5.62 -7.94 4.15
CA SER A 31 4.22 -7.51 4.02
C SER A 31 4.04 -6.25 3.17
N SER A 32 4.99 -5.32 3.25
CA SER A 32 4.90 -4.05 2.54
CA SER A 32 4.91 -4.09 2.48
C SER A 32 6.28 -3.46 2.27
N VAL A 33 6.42 -2.77 1.14
CA VAL A 33 7.60 -1.95 0.84
C VAL A 33 7.14 -0.56 0.34
N LYS A 34 7.85 0.48 0.75
CA LYS A 34 7.49 1.87 0.40
C LYS A 34 8.76 2.70 0.22
N PHE A 35 8.80 3.52 -0.84
CA PHE A 35 9.90 4.47 -1.02
C PHE A 35 9.60 5.73 -0.21
N SER A 36 10.62 6.30 0.42
CA SER A 36 10.46 7.58 1.09
C SER A 36 10.16 8.66 0.04
N PRO A 37 9.34 9.66 0.39
CA PRO A 37 9.05 10.73 -0.57
C PRO A 37 10.27 11.47 -1.12
N ASN A 38 11.34 11.61 -0.32
CA ASN A 38 12.57 12.22 -0.81
C ASN A 38 13.43 11.31 -1.72
N GLY A 39 12.99 10.07 -1.93
CA GLY A 39 13.66 9.17 -2.89
C GLY A 39 14.91 8.46 -2.40
N GLU A 40 15.33 8.74 -1.17
CA GLU A 40 16.58 8.19 -0.63
C GLU A 40 16.46 6.77 -0.05
N TRP A 41 15.29 6.42 0.46
CA TRP A 41 15.15 5.20 1.25
C TRP A 41 13.98 4.32 0.84
N LEU A 42 14.14 3.02 1.07
CA LEU A 42 13.05 2.06 1.02
C LEU A 42 12.81 1.54 2.43
N ALA A 43 11.55 1.54 2.85
CA ALA A 43 11.15 0.90 4.11
C ALA A 43 10.41 -0.40 3.81
N SER A 44 10.65 -1.43 4.62
CA SER A 44 9.95 -2.70 4.51
C SER A 44 9.41 -3.13 5.87
N SER A 45 8.25 -3.77 5.85
CA SER A 45 7.64 -4.35 7.04
C SER A 45 7.44 -5.84 6.82
N SER A 46 7.40 -6.61 7.91
CA SER A 46 7.34 -8.06 7.81
C SER A 46 6.57 -8.71 8.97
N ALA A 47 6.15 -9.94 8.75
CA ALA A 47 5.60 -10.79 9.80
C ALA A 47 6.63 -11.09 10.89
N ASP A 48 7.92 -10.79 10.65
CA ASP A 48 8.96 -10.96 11.68
C ASP A 48 8.97 -9.84 12.73
N LYS A 49 7.99 -8.94 12.65
CA LYS A 49 7.78 -7.88 13.64
C LYS A 49 8.76 -6.71 13.47
N LEU A 50 9.48 -6.68 12.35
CA LEU A 50 10.50 -5.66 12.14
C LEU A 50 10.18 -4.76 10.95
N ILE A 51 10.67 -3.52 11.04
CA ILE A 51 10.75 -2.63 9.90
C ILE A 51 12.23 -2.59 9.56
N LYS A 52 12.56 -2.68 8.27
CA LYS A 52 13.93 -2.48 7.84
C LYS A 52 14.02 -1.32 6.85
N ILE A 53 15.13 -0.59 6.92
CA ILE A 53 15.39 0.56 6.05
C ILE A 53 16.54 0.17 5.12
N TRP A 54 16.40 0.51 3.85
CA TRP A 54 17.38 0.17 2.81
C TRP A 54 17.62 1.39 1.92
N GLY A 55 18.81 1.47 1.34
CA GLY A 55 19.10 2.50 0.34
C GLY A 55 18.29 2.26 -0.91
N ALA A 56 17.59 3.29 -1.38
CA ALA A 56 16.68 3.18 -2.51
C ALA A 56 17.38 2.90 -3.85
N TYR A 57 18.59 3.43 -4.00
CA TYR A 57 19.33 3.34 -5.26
C TYR A 57 20.27 2.13 -5.31
N ASP A 58 20.89 1.80 -4.18
CA ASP A 58 21.86 0.70 -4.11
C ASP A 58 21.39 -0.52 -3.29
N GLY A 59 20.23 -0.43 -2.65
CA GLY A 59 19.68 -1.54 -1.88
C GLY A 59 20.44 -1.87 -0.59
N LYS A 60 21.37 -1.01 -0.19
CA LYS A 60 22.25 -1.28 0.95
C LYS A 60 21.46 -1.23 2.26
N PHE A 61 21.56 -2.28 3.07
CA PHE A 61 20.86 -2.32 4.35
C PHE A 61 21.27 -1.13 5.21
N GLU A 62 20.29 -0.46 5.80
CA GLU A 62 20.57 0.73 6.61
C GLU A 62 20.37 0.45 8.10
N LYS A 63 19.15 0.07 8.49
CA LYS A 63 18.86 -0.22 9.90
C LYS A 63 17.58 -1.03 10.08
N THR A 64 17.45 -1.60 11.27
CA THR A 64 16.25 -2.30 11.71
C THR A 64 15.56 -1.49 12.81
N ILE A 65 14.23 -1.46 12.77
CA ILE A 65 13.42 -0.80 13.80
C ILE A 65 12.46 -1.83 14.35
N SER A 66 12.38 -1.92 15.69
CA SER A 66 11.57 -2.94 16.35
C SER A 66 10.80 -2.37 17.53
N GLY A 67 9.79 -3.13 17.97
CA GLY A 67 8.97 -2.71 19.09
C GLY A 67 7.58 -3.33 19.12
N HIS A 68 7.00 -3.60 17.95
CA HIS A 68 5.71 -4.28 17.89
C HIS A 68 5.78 -5.66 18.53
N LYS A 69 4.67 -6.09 19.13
CA LYS A 69 4.60 -7.36 19.85
C LYS A 69 4.21 -8.52 18.94
N LEU A 70 3.53 -8.21 17.84
CA LEU A 70 3.24 -9.17 16.79
C LEU A 70 3.69 -8.60 15.44
N GLY A 71 3.48 -9.35 14.36
CA GLY A 71 3.96 -8.93 13.04
C GLY A 71 3.24 -7.74 12.46
N ILE A 72 3.81 -7.21 11.36
CA ILE A 72 3.36 -5.95 10.76
C ILE A 72 2.79 -6.18 9.35
N SER A 73 1.63 -5.59 9.06
CA SER A 73 0.98 -5.74 7.75
C SER A 73 1.22 -4.56 6.79
N ASP A 74 1.55 -3.39 7.33
CA ASP A 74 1.77 -2.19 6.51
C ASP A 74 2.72 -1.21 7.22
N VAL A 75 3.42 -0.42 6.42
CA VAL A 75 4.22 0.70 6.93
C VAL A 75 4.13 1.85 5.93
N ALA A 76 4.18 3.08 6.43
CA ALA A 76 4.05 4.26 5.56
C ALA A 76 4.88 5.44 6.05
N TRP A 77 5.35 6.25 5.10
CA TRP A 77 6.21 7.39 5.36
C TRP A 77 5.42 8.68 5.56
N SER A 78 5.95 9.57 6.39
CA SER A 78 5.49 10.95 6.45
C SER A 78 5.99 11.68 5.20
N SER A 79 5.34 12.81 4.89
CA SER A 79 5.68 13.60 3.70
C SER A 79 7.12 14.12 3.72
N ASP A 80 7.64 14.44 4.90
CA ASP A 80 9.03 14.92 5.02
C ASP A 80 10.08 13.80 5.13
N SER A 81 9.64 12.55 5.01
CA SER A 81 10.52 11.36 5.05
C SER A 81 11.17 11.10 6.42
N ASN A 82 10.71 11.78 7.47
CA ASN A 82 11.33 11.66 8.80
C ASN A 82 10.65 10.65 9.71
N LEU A 83 9.37 10.37 9.48
CA LEU A 83 8.62 9.43 10.30
C LEU A 83 8.06 8.27 9.48
N LEU A 84 7.82 7.16 10.18
CA LEU A 84 7.05 6.04 9.67
C LEU A 84 5.87 5.77 10.58
N VAL A 85 4.83 5.16 10.03
CA VAL A 85 3.76 4.58 10.84
C VAL A 85 3.55 3.15 10.39
N SER A 86 3.40 2.25 11.36
CA SER A 86 3.27 0.82 11.11
C SER A 86 1.95 0.30 11.67
N ALA A 87 1.40 -0.72 10.99
CA ALA A 87 0.14 -1.35 11.37
C ALA A 87 0.36 -2.84 11.68
N SER A 88 -0.03 -3.27 12.88
CA SER A 88 0.34 -4.59 13.41
C SER A 88 -0.82 -5.46 13.89
N ASP A 89 -0.57 -6.77 13.92
CA ASP A 89 -1.52 -7.70 14.51
C ASP A 89 -1.71 -7.47 16.01
N ASP A 90 -0.77 -6.79 16.66
CA ASP A 90 -0.92 -6.50 18.09
C ASP A 90 -2.01 -5.45 18.39
N LYS A 91 -2.76 -5.06 17.36
CA LYS A 91 -3.94 -4.19 17.48
C LYS A 91 -3.56 -2.71 17.61
N THR A 92 -2.28 -2.38 17.39
CA THR A 92 -1.81 -1.01 17.50
C THR A 92 -1.13 -0.53 16.23
N LEU A 93 -1.01 0.79 16.13
CA LEU A 93 -0.06 1.40 15.23
C LEU A 93 1.02 2.06 16.07
N LYS A 94 2.22 2.13 15.50
CA LYS A 94 3.30 2.87 16.12
C LYS A 94 3.85 3.92 15.16
N ILE A 95 4.15 5.09 15.70
CA ILE A 95 4.82 6.16 14.98
C ILE A 95 6.30 6.12 15.35
N TRP A 96 7.18 6.17 14.35
CA TRP A 96 8.62 6.04 14.56
C TRP A 96 9.38 7.26 14.05
N ASP A 97 10.38 7.70 14.80
CA ASP A 97 11.38 8.62 14.28
C ASP A 97 12.46 7.77 13.63
N VAL A 98 12.59 7.90 12.31
CA VAL A 98 13.45 7.00 11.55
C VAL A 98 14.93 7.16 11.92
N SER A 99 15.37 8.40 12.08
CA SER A 99 16.79 8.68 12.35
CA SER A 99 16.78 8.70 12.35
C SER A 99 17.24 8.16 13.71
N SER A 100 16.38 8.30 14.72
CA SER A 100 16.70 7.84 16.07
C SER A 100 16.28 6.40 16.33
N GLY A 101 15.28 5.92 15.58
CA GLY A 101 14.67 4.62 15.82
C GLY A 101 13.64 4.61 16.94
N LYS A 102 13.39 5.76 17.57
CA LYS A 102 12.46 5.84 18.68
C LYS A 102 11.03 5.63 18.24
N CYS A 103 10.27 4.90 19.04
CA CYS A 103 8.82 4.87 18.92
C CYS A 103 8.28 6.12 19.61
N LEU A 104 7.73 7.05 18.83
CA LEU A 104 7.23 8.31 19.38
C LEU A 104 5.88 8.16 20.05
N LYS A 105 4.97 7.41 19.42
CA LYS A 105 3.65 7.12 19.99
C LYS A 105 3.20 5.72 19.61
N THR A 106 2.41 5.12 20.49
CA THR A 106 1.67 3.90 20.16
C THR A 106 0.19 4.27 20.12
N LEU A 107 -0.44 4.02 18.98
CA LEU A 107 -1.82 4.41 18.75
C LEU A 107 -2.76 3.24 19.08
N LYS A 108 -3.51 3.39 20.17
CA LYS A 108 -4.36 2.32 20.70
C LYS A 108 -5.83 2.67 20.54
N GLY A 109 -6.63 1.71 20.12
CA GLY A 109 -8.05 1.93 19.89
C GLY A 109 -8.73 0.79 19.14
N HIS A 110 -8.08 0.32 18.09
CA HIS A 110 -8.60 -0.82 17.33
C HIS A 110 -8.71 -2.07 18.21
N SER A 111 -9.74 -2.88 17.94
CA SER A 111 -10.03 -4.07 18.73
C SER A 111 -9.68 -5.36 17.97
N ASN A 112 -8.94 -5.22 16.88
CA ASN A 112 -8.48 -6.37 16.11
C ASN A 112 -7.28 -5.93 15.24
N TYR A 113 -6.73 -6.84 14.45
CA TYR A 113 -5.50 -6.56 13.69
C TYR A 113 -5.62 -5.25 12.92
N VAL A 114 -4.58 -4.42 12.99
CA VAL A 114 -4.50 -3.23 12.14
C VAL A 114 -3.81 -3.66 10.85
N PHE A 115 -4.43 -3.35 9.72
CA PHE A 115 -4.07 -3.91 8.44
C PHE A 115 -3.40 -2.92 7.48
N CYS A 116 -3.84 -1.67 7.51
CA CYS A 116 -3.37 -0.65 6.58
C CYS A 116 -3.27 0.71 7.26
N CYS A 117 -2.37 1.55 6.74
CA CYS A 117 -2.16 2.89 7.30
C CYS A 117 -1.54 3.87 6.29
N ASN A 118 -1.77 5.16 6.52
CA ASN A 118 -1.19 6.23 5.70
C ASN A 118 -1.20 7.56 6.46
N PHE A 119 -0.21 8.41 6.18
CA PHE A 119 -0.27 9.80 6.62
C PHE A 119 -1.09 10.59 5.62
N ASN A 120 -1.65 11.72 6.05
CA ASN A 120 -2.17 12.71 5.09
C ASN A 120 -0.98 13.52 4.55
N PRO A 121 -1.16 14.24 3.43
CA PRO A 121 -0.06 15.01 2.83
C PRO A 121 0.62 15.98 3.80
N GLN A 122 -0.17 16.63 4.65
CA GLN A 122 0.35 17.53 5.68
C GLN A 122 1.06 16.75 6.78
N SER A 123 0.67 15.48 6.94
CA SER A 123 1.26 14.54 7.91
C SER A 123 1.03 14.90 9.38
N ASN A 124 -0.05 15.65 9.64
CA ASN A 124 -0.53 15.86 11.01
C ASN A 124 -1.53 14.78 11.41
N LEU A 125 -2.01 14.02 10.44
CA LEU A 125 -2.97 12.96 10.67
C LEU A 125 -2.48 11.62 10.14
N ILE A 126 -3.02 10.56 10.73
CA ILE A 126 -2.85 9.22 10.23
C ILE A 126 -4.24 8.58 10.10
N VAL A 127 -4.43 7.82 9.02
CA VAL A 127 -5.63 7.03 8.83
C VAL A 127 -5.25 5.55 8.89
N SER A 128 -6.11 4.74 9.50
CA SER A 128 -5.89 3.29 9.60
C SER A 128 -7.17 2.49 9.32
N GLY A 129 -6.97 1.28 8.82
CA GLY A 129 -8.05 0.30 8.63
C GLY A 129 -7.71 -0.97 9.38
N SER A 130 -8.72 -1.63 9.92
CA SER A 130 -8.51 -2.80 10.78
C SER A 130 -9.49 -3.94 10.48
N PHE A 131 -9.15 -5.14 10.95
CA PHE A 131 -10.07 -6.27 10.94
C PHE A 131 -11.32 -6.02 11.79
N ASP A 132 -11.28 -5.00 12.65
CA ASP A 132 -12.47 -4.61 13.43
C ASP A 132 -13.49 -3.81 12.62
N GLU A 133 -13.27 -3.69 11.30
CA GLU A 133 -14.26 -3.13 10.36
C GLU A 133 -14.39 -1.59 10.40
N SER A 134 -13.50 -0.94 11.16
CA SER A 134 -13.51 0.50 11.31
C SER A 134 -12.33 1.16 10.60
N VAL A 135 -12.52 2.43 10.29
CA VAL A 135 -11.43 3.31 9.88
C VAL A 135 -11.23 4.31 11.01
N ARG A 136 -9.98 4.52 11.42
CA ARG A 136 -9.70 5.49 12.46
C ARG A 136 -8.80 6.60 11.95
N ILE A 137 -9.03 7.81 12.48
CA ILE A 137 -8.23 8.99 12.14
C ILE A 137 -7.55 9.46 13.42
N TRP A 138 -6.22 9.54 13.37
CA TRP A 138 -5.40 9.82 14.55
C TRP A 138 -4.65 11.13 14.41
N ASP A 139 -4.49 11.83 15.54
CA ASP A 139 -3.62 12.99 15.60
C ASP A 139 -2.18 12.51 15.78
N VAL A 140 -1.30 12.93 14.88
CA VAL A 140 0.10 12.47 14.89
C VAL A 140 0.85 13.00 16.12
N LYS A 141 0.68 14.29 16.39
CA LYS A 141 1.35 14.98 17.50
C LYS A 141 0.99 14.39 18.87
N THR A 142 -0.30 14.13 19.12
CA THR A 142 -0.77 13.65 20.43
C THR A 142 -0.96 12.12 20.49
N GLY A 143 -1.21 11.50 19.34
CA GLY A 143 -1.43 10.06 19.28
C GLY A 143 -2.84 9.63 19.64
N LYS A 144 -3.74 10.59 19.80
CA LYS A 144 -5.12 10.29 20.18
C LYS A 144 -5.97 10.03 18.93
N CYS A 145 -6.94 9.14 19.07
CA CYS A 145 -7.90 8.88 18.02
C CYS A 145 -8.88 10.05 17.95
N LEU A 146 -8.92 10.71 16.80
CA LEU A 146 -9.81 11.85 16.59
C LEU A 146 -11.20 11.39 16.18
N LYS A 147 -11.27 10.40 15.28
CA LYS A 147 -12.54 9.87 14.78
C LYS A 147 -12.46 8.36 14.57
N THR A 148 -13.57 7.67 14.87
CA THR A 148 -13.75 6.28 14.47
C THR A 148 -14.93 6.22 13.51
N LEU A 149 -14.69 5.77 12.28
CA LEU A 149 -15.75 5.68 11.28
C LEU A 149 -16.25 4.23 11.19
N PRO A 150 -17.57 4.02 11.30
CA PRO A 150 -18.13 2.68 11.11
C PRO A 150 -18.16 2.37 9.60
N ALA A 151 -16.98 2.15 9.04
CA ALA A 151 -16.78 2.26 7.59
C ALA A 151 -17.34 1.09 6.79
N HIS A 152 -17.18 -0.11 7.31
CA HIS A 152 -17.49 -1.32 6.54
C HIS A 152 -18.09 -2.40 7.40
N SER A 153 -18.53 -3.48 6.77
CA SER A 153 -19.11 -4.63 7.47
C SER A 153 -18.23 -5.88 7.35
N ASP A 154 -16.95 -5.65 7.06
CA ASP A 154 -15.93 -6.70 6.99
C ASP A 154 -14.59 -6.01 7.16
N PRO A 155 -13.48 -6.78 7.21
CA PRO A 155 -12.17 -6.14 7.40
C PRO A 155 -11.83 -5.07 6.37
N VAL A 156 -11.16 -4.00 6.83
CA VAL A 156 -10.79 -2.87 5.99
C VAL A 156 -9.39 -3.14 5.44
N SER A 157 -9.28 -3.27 4.13
CA SER A 157 -8.05 -3.71 3.47
C SER A 157 -7.09 -2.57 3.11
N ALA A 158 -7.61 -1.37 2.87
CA ALA A 158 -6.75 -0.24 2.54
C ALA A 158 -7.39 1.10 2.90
N VAL A 159 -6.55 2.08 3.19
CA VAL A 159 -6.98 3.47 3.46
C VAL A 159 -5.97 4.44 2.86
N HIS A 160 -6.47 5.51 2.24
CA HIS A 160 -5.61 6.47 1.58
C HIS A 160 -6.21 7.88 1.54
N PHE A 161 -5.38 8.89 1.78
CA PHE A 161 -5.80 10.29 1.62
C PHE A 161 -5.63 10.74 0.18
N ASN A 162 -6.45 11.69 -0.26
CA ASN A 162 -6.25 12.34 -1.55
C ASN A 162 -5.20 13.47 -1.45
N ARG A 163 -4.90 14.11 -2.57
CA ARG A 163 -3.76 15.03 -2.66
C ARG A 163 -3.78 16.18 -1.63
N ASP A 164 -4.96 16.69 -1.28
CA ASP A 164 -5.04 17.79 -0.31
C ASP A 164 -5.50 17.34 1.09
N GLY A 165 -5.62 16.03 1.29
CA GLY A 165 -6.05 15.47 2.57
C GLY A 165 -7.53 15.64 2.94
N SER A 166 -8.32 16.23 2.05
CA SER A 166 -9.74 16.49 2.34
C SER A 166 -10.61 15.23 2.31
N LEU A 167 -10.14 14.20 1.60
CA LEU A 167 -10.89 12.95 1.43
C LEU A 167 -10.04 11.75 1.80
N ILE A 168 -10.74 10.69 2.23
CA ILE A 168 -10.14 9.40 2.51
C ILE A 168 -10.91 8.36 1.71
N VAL A 169 -10.19 7.47 1.06
CA VAL A 169 -10.82 6.32 0.41
C VAL A 169 -10.46 5.06 1.19
N SER A 170 -11.47 4.24 1.47
CA SER A 170 -11.29 2.96 2.16
C SER A 170 -11.86 1.84 1.31
N SER A 171 -11.29 0.65 1.45
CA SER A 171 -11.78 -0.56 0.78
C SER A 171 -11.92 -1.69 1.77
N SER A 172 -12.75 -2.67 1.43
CA SER A 172 -13.07 -3.75 2.36
C SER A 172 -13.49 -5.05 1.67
N TYR A 173 -13.37 -6.16 2.40
CA TYR A 173 -13.86 -7.45 1.91
C TYR A 173 -15.37 -7.47 1.72
N ASP A 174 -16.08 -6.48 2.27
CA ASP A 174 -17.52 -6.37 2.03
C ASP A 174 -17.88 -5.97 0.58
N GLY A 175 -16.86 -5.73 -0.25
CA GLY A 175 -17.06 -5.43 -1.66
C GLY A 175 -17.20 -3.96 -2.00
N LEU A 176 -17.03 -3.10 -0.99
CA LEU A 176 -17.24 -1.66 -1.16
C LEU A 176 -15.94 -0.87 -1.13
N CYS A 177 -15.92 0.19 -1.94
CA CYS A 177 -15.00 1.30 -1.72
C CYS A 177 -15.85 2.46 -1.25
N ARG A 178 -15.40 3.15 -0.20
CA ARG A 178 -16.11 4.31 0.29
C ARG A 178 -15.20 5.53 0.38
N ILE A 179 -15.79 6.70 0.14
CA ILE A 179 -15.08 7.97 0.18
C ILE A 179 -15.60 8.79 1.35
N TRP A 180 -14.68 9.23 2.21
CA TRP A 180 -15.02 9.93 3.45
C TRP A 180 -14.50 11.35 3.46
N ASP A 181 -15.30 12.28 3.98
CA ASP A 181 -14.83 13.64 4.26
C ASP A 181 -13.99 13.59 5.53
N THR A 182 -12.72 13.93 5.40
CA THR A 182 -11.79 13.92 6.54
C THR A 182 -12.28 14.76 7.72
N ALA A 183 -12.78 15.96 7.43
CA ALA A 183 -13.18 16.92 8.47
C ALA A 183 -14.45 16.49 9.22
N SER A 184 -15.48 16.08 8.47
CA SER A 184 -16.77 15.72 9.07
C SER A 184 -16.87 14.25 9.47
N GLY A 185 -16.17 13.39 8.74
CA GLY A 185 -16.29 11.94 8.92
C GLY A 185 -17.45 11.34 8.15
N GLN A 186 -18.14 12.15 7.35
CA GLN A 186 -19.31 11.70 6.61
C GLN A 186 -18.91 10.84 5.41
N CYS A 187 -19.66 9.76 5.17
CA CYS A 187 -19.52 8.96 3.96
C CYS A 187 -20.13 9.71 2.78
N LEU A 188 -19.30 10.14 1.83
CA LEU A 188 -19.77 10.92 0.69
C LEU A 188 -20.15 10.05 -0.50
N LYS A 189 -19.56 8.86 -0.61
CA LYS A 189 -19.79 8.01 -1.77
C LYS A 189 -19.46 6.56 -1.48
N THR A 190 -20.29 5.67 -2.04
CA THR A 190 -20.04 4.24 -2.00
C THR A 190 -20.01 3.74 -3.45
N LEU A 191 -18.88 3.18 -3.86
CA LEU A 191 -18.72 2.68 -5.22
C LEU A 191 -19.21 1.24 -5.31
N ILE A 192 -20.13 1.02 -6.22
CA ILE A 192 -20.73 -0.30 -6.44
C ILE A 192 -20.75 -0.57 -7.93
N ASP A 193 -20.13 -1.68 -8.32
CA ASP A 193 -20.08 -2.12 -9.72
C ASP A 193 -21.28 -3.03 -9.96
N ASP A 194 -21.23 -3.84 -11.01
CA ASP A 194 -22.29 -4.80 -11.32
C ASP A 194 -22.13 -6.05 -10.46
N ASP A 195 -20.88 -6.38 -10.12
CA ASP A 195 -20.57 -7.40 -9.13
C ASP A 195 -19.61 -6.79 -8.12
N ASN A 196 -19.71 -7.22 -6.86
CA ASN A 196 -18.91 -6.65 -5.79
C ASN A 196 -18.11 -7.69 -4.99
N PRO A 197 -17.09 -8.30 -5.62
CA PRO A 197 -16.19 -9.21 -4.92
C PRO A 197 -15.36 -8.47 -3.88
N PRO A 198 -14.74 -9.19 -2.92
CA PRO A 198 -13.92 -8.51 -1.91
C PRO A 198 -12.92 -7.53 -2.53
N VAL A 199 -12.88 -6.30 -2.01
CA VAL A 199 -11.92 -5.30 -2.46
C VAL A 199 -10.69 -5.37 -1.56
N SER A 200 -9.54 -5.63 -2.19
CA SER A 200 -8.31 -5.95 -1.47
C SER A 200 -7.29 -4.82 -1.40
N PHE A 201 -7.50 -3.77 -2.19
CA PHE A 201 -6.67 -2.58 -2.16
C PHE A 201 -7.38 -1.43 -2.86
N VAL A 202 -7.06 -0.21 -2.44
CA VAL A 202 -7.58 1.00 -3.10
C VAL A 202 -6.65 2.20 -2.83
N LYS A 203 -6.54 3.07 -3.83
CA LYS A 203 -5.87 4.36 -3.67
C LYS A 203 -6.34 5.36 -4.73
N PHE A 204 -6.28 6.64 -4.38
CA PHE A 204 -6.46 7.75 -5.32
C PHE A 204 -5.30 7.84 -6.30
N SER A 205 -5.60 8.35 -7.50
CA SER A 205 -4.58 8.80 -8.44
C SER A 205 -3.87 10.03 -7.86
N PRO A 206 -2.71 10.41 -8.43
CA PRO A 206 -2.01 11.60 -7.94
C PRO A 206 -2.83 12.89 -7.94
N ASN A 207 -3.66 13.09 -8.97
CA ASN A 207 -4.52 14.28 -9.03
C ASN A 207 -5.83 14.16 -8.22
N GLY A 208 -6.09 12.96 -7.69
CA GLY A 208 -7.24 12.75 -6.79
C GLY A 208 -8.58 12.48 -7.45
N LYS A 209 -8.63 12.50 -8.78
CA LYS A 209 -9.92 12.36 -9.48
C LYS A 209 -10.23 10.93 -9.91
N TYR A 210 -9.27 10.02 -9.78
CA TYR A 210 -9.52 8.61 -10.07
C TYR A 210 -9.14 7.73 -8.90
N ILE A 211 -9.69 6.51 -8.89
CA ILE A 211 -9.44 5.57 -7.82
C ILE A 211 -9.07 4.22 -8.43
N LEU A 212 -7.93 3.69 -8.01
CA LEU A 212 -7.45 2.39 -8.46
C LEU A 212 -7.77 1.36 -7.38
N ALA A 213 -8.50 0.31 -7.75
CA ALA A 213 -8.97 -0.69 -6.79
C ALA A 213 -8.64 -2.11 -7.26
N ALA A 214 -8.14 -2.93 -6.34
CA ALA A 214 -7.89 -4.35 -6.58
C ALA A 214 -8.99 -5.18 -5.94
N THR A 215 -9.44 -6.22 -6.65
CA THR A 215 -10.46 -7.13 -6.13
C THR A 215 -9.93 -8.56 -6.18
N LEU A 216 -10.43 -9.41 -5.28
CA LEU A 216 -9.98 -10.80 -5.20
C LEU A 216 -10.60 -11.71 -6.27
N ASP A 217 -10.82 -11.16 -7.47
CA ASP A 217 -11.20 -11.95 -8.63
C ASP A 217 -10.25 -11.65 -9.80
N ASN A 218 -8.97 -11.45 -9.49
CA ASN A 218 -7.93 -11.26 -10.50
C ASN A 218 -8.15 -10.02 -11.36
N THR A 219 -8.60 -8.93 -10.75
CA THR A 219 -9.00 -7.75 -11.50
C THR A 219 -8.65 -6.46 -10.75
N LEU A 220 -7.96 -5.56 -11.45
CA LEU A 220 -7.77 -4.19 -11.00
C LEU A 220 -8.68 -3.29 -11.82
N LYS A 221 -9.23 -2.25 -11.18
CA LYS A 221 -10.14 -1.33 -11.86
C LYS A 221 -9.79 0.13 -11.56
N LEU A 222 -9.88 0.97 -12.58
CA LEU A 222 -9.68 2.41 -12.43
C LEU A 222 -11.03 3.13 -12.55
N TRP A 223 -11.45 3.74 -11.45
CA TRP A 223 -12.75 4.41 -11.33
C TRP A 223 -12.62 5.93 -11.46
N ASP A 224 -13.65 6.55 -12.03
CA ASP A 224 -13.85 8.00 -11.95
C ASP A 224 -14.58 8.32 -10.63
N TYR A 225 -13.90 8.97 -9.69
CA TYR A 225 -14.50 9.31 -8.40
C TYR A 225 -15.81 10.10 -8.52
N SER A 226 -15.80 11.19 -9.28
CA SER A 226 -16.94 12.11 -9.33
C SER A 226 -18.17 11.54 -10.05
N LYS A 227 -17.94 10.79 -11.13
CA LYS A 227 -19.04 10.15 -11.88
C LYS A 227 -19.37 8.78 -11.30
N GLY A 228 -18.45 8.22 -10.52
CA GLY A 228 -18.67 6.96 -9.82
C GLY A 228 -18.81 5.75 -10.71
N LYS A 229 -18.08 5.72 -11.82
CA LYS A 229 -18.08 4.56 -12.72
C LYS A 229 -16.67 4.05 -12.99
N CYS A 230 -16.59 2.75 -13.27
CA CYS A 230 -15.34 2.10 -13.65
C CYS A 230 -15.04 2.39 -15.12
N LEU A 231 -13.83 2.88 -15.41
CA LEU A 231 -13.43 3.24 -16.77
C LEU A 231 -12.49 2.22 -17.41
N LYS A 232 -11.48 1.79 -16.66
CA LYS A 232 -10.47 0.84 -17.15
C LYS A 232 -10.41 -0.37 -16.25
N THR A 233 -10.05 -1.52 -16.83
CA THR A 233 -9.85 -2.74 -16.05
C THR A 233 -8.59 -3.47 -16.54
N TYR A 234 -7.81 -4.00 -15.61
CA TYR A 234 -6.53 -4.64 -15.89
C TYR A 234 -6.52 -6.06 -15.34
N THR A 235 -6.23 -7.03 -16.20
CA THR A 235 -6.27 -8.45 -15.84
C THR A 235 -5.08 -9.20 -16.46
N GLY A 236 -5.03 -10.52 -16.24
CA GLY A 236 -3.95 -11.38 -16.73
C GLY A 236 -3.12 -11.92 -15.58
N HIS A 237 -3.15 -11.24 -14.44
CA HIS A 237 -2.44 -11.66 -13.23
C HIS A 237 -3.32 -12.54 -12.34
N LYS A 238 -2.75 -13.02 -11.24
CA LYS A 238 -3.47 -13.88 -10.31
C LYS A 238 -3.58 -13.20 -8.94
N ASN A 239 -4.82 -13.00 -8.50
CA ASN A 239 -5.08 -12.38 -7.21
C ASN A 239 -6.47 -12.75 -6.66
N GLU A 240 -6.50 -13.82 -5.88
CA GLU A 240 -7.71 -14.29 -5.20
C GLU A 240 -7.58 -14.49 -3.68
N LYS A 241 -6.36 -14.43 -3.15
CA LYS A 241 -6.10 -14.79 -1.73
C LYS A 241 -5.46 -13.70 -0.86
N TYR A 242 -4.71 -12.79 -1.44
CA TYR A 242 -3.95 -11.82 -0.65
C TYR A 242 -4.27 -10.37 -1.04
N CYS A 243 -4.12 -9.47 -0.08
CA CYS A 243 -4.25 -8.03 -0.32
C CYS A 243 -2.94 -7.49 -0.88
N ILE A 244 -2.82 -7.55 -2.20
CA ILE A 244 -1.65 -7.11 -2.93
C ILE A 244 -1.78 -5.63 -3.30
N PHE A 245 -0.73 -4.85 -3.03
CA PHE A 245 -0.71 -3.42 -3.36
C PHE A 245 -0.71 -3.20 -4.87
N ALA A 246 -1.14 -2.02 -5.30
CA ALA A 246 -1.03 -1.61 -6.70
C ALA A 246 -0.53 -0.17 -6.77
N ASN A 247 0.15 0.17 -7.85
CA ASN A 247 0.72 1.51 -8.04
C ASN A 247 0.40 2.12 -9.40
N PHE A 248 0.39 3.44 -9.43
CA PHE A 248 0.58 4.19 -10.66
C PHE A 248 2.07 4.40 -10.81
N SER A 249 2.60 4.10 -11.99
CA SER A 249 3.98 4.48 -12.34
C SER A 249 3.90 5.62 -13.35
N VAL A 250 4.45 6.78 -12.99
CA VAL A 250 4.31 8.00 -13.80
C VAL A 250 5.60 8.78 -14.05
N THR A 251 6.75 8.22 -13.68
CA THR A 251 8.03 8.91 -13.86
C THR A 251 8.49 8.85 -15.32
N GLY A 252 8.21 7.74 -16.00
CA GLY A 252 8.51 7.58 -17.42
C GLY A 252 7.22 7.51 -18.22
N GLY A 253 6.90 6.33 -18.73
CA GLY A 253 5.58 6.08 -19.32
C GLY A 253 4.55 5.85 -18.23
N LYS A 254 3.28 5.87 -18.62
CA LYS A 254 2.18 5.71 -17.66
C LYS A 254 1.79 4.24 -17.52
N TRP A 255 2.20 3.63 -16.41
CA TRP A 255 1.93 2.21 -16.17
C TRP A 255 1.12 1.98 -14.89
N ILE A 256 0.50 0.81 -14.84
CA ILE A 256 -0.05 0.25 -13.61
C ILE A 256 0.85 -0.92 -13.24
N VAL A 257 1.20 -1.01 -11.96
CA VAL A 257 2.11 -2.03 -11.44
C VAL A 257 1.42 -2.79 -10.31
N SER A 258 1.54 -4.12 -10.32
CA SER A 258 1.01 -4.94 -9.24
C SER A 258 1.75 -6.27 -9.12
N GLY A 259 1.85 -6.75 -7.88
CA GLY A 259 2.30 -8.11 -7.62
C GLY A 259 1.22 -9.09 -7.99
N SER A 260 1.55 -10.37 -7.89
CA SER A 260 0.66 -11.44 -8.34
C SER A 260 0.98 -12.73 -7.61
N GLU A 261 -0.03 -13.59 -7.48
CA GLU A 261 0.13 -14.85 -6.76
C GLU A 261 0.82 -15.95 -7.58
N ASP A 262 1.26 -15.62 -8.81
CA ASP A 262 2.11 -16.52 -9.59
C ASP A 262 3.60 -16.12 -9.52
N ASN A 263 3.95 -15.31 -8.51
CA ASN A 263 5.33 -14.92 -8.21
C ASN A 263 5.92 -13.87 -9.16
N LEU A 264 5.08 -13.16 -9.92
CA LEU A 264 5.55 -12.19 -10.91
C LEU A 264 5.09 -10.78 -10.58
N VAL A 265 5.85 -9.80 -11.05
CA VAL A 265 5.41 -8.40 -11.04
C VAL A 265 4.81 -8.06 -12.40
N TYR A 266 3.54 -7.69 -12.42
CA TYR A 266 2.84 -7.35 -13.65
C TYR A 266 2.84 -5.85 -13.87
N ILE A 267 3.13 -5.43 -15.11
CA ILE A 267 3.07 -4.03 -15.50
C ILE A 267 2.13 -3.88 -16.70
N TRP A 268 1.14 -3.00 -16.58
CA TRP A 268 0.19 -2.74 -17.66
C TRP A 268 0.39 -1.35 -18.23
N ASN A 269 0.07 -1.19 -19.51
CA ASN A 269 -0.11 0.13 -20.11
C ASN A 269 -1.39 0.71 -19.53
N LEU A 270 -1.25 1.84 -18.83
CA LEU A 270 -2.39 2.45 -18.14
C LEU A 270 -3.56 2.74 -19.10
N GLN A 271 -3.25 3.17 -20.32
CA GLN A 271 -4.26 3.58 -21.28
C GLN A 271 -4.87 2.40 -22.05
N THR A 272 -4.03 1.55 -22.63
CA THR A 272 -4.50 0.46 -23.50
C THR A 272 -4.87 -0.81 -22.74
N LYS A 273 -4.47 -0.88 -21.47
CA LYS A 273 -4.75 -2.01 -20.57
C LYS A 273 -4.00 -3.30 -20.92
N GLU A 274 -3.01 -3.21 -21.81
CA GLU A 274 -2.22 -4.38 -22.20
C GLU A 274 -1.08 -4.60 -21.23
N ILE A 275 -0.82 -5.86 -20.90
CA ILE A 275 0.37 -6.23 -20.14
C ILE A 275 1.60 -5.89 -20.98
N VAL A 276 2.48 -5.06 -20.44
CA VAL A 276 3.71 -4.68 -21.16
C VAL A 276 4.95 -5.37 -20.59
N GLN A 277 4.91 -5.79 -19.33
CA GLN A 277 6.02 -6.52 -18.71
C GLN A 277 5.57 -7.46 -17.60
N LYS A 278 6.28 -8.58 -17.48
CA LYS A 278 6.14 -9.49 -16.36
C LYS A 278 7.52 -9.82 -15.81
N LEU A 279 7.80 -9.39 -14.59
CA LEU A 279 9.16 -9.49 -14.03
C LEU A 279 9.33 -10.78 -13.23
N GLN A 280 10.30 -11.59 -13.65
CA GLN A 280 10.54 -12.92 -13.08
C GLN A 280 11.75 -12.87 -12.14
N GLY A 281 11.66 -13.59 -11.02
CA GLY A 281 12.76 -13.63 -10.06
C GLY A 281 12.34 -14.06 -8.65
N HIS A 282 11.18 -13.60 -8.21
CA HIS A 282 10.63 -14.02 -6.90
C HIS A 282 10.19 -15.48 -6.91
N THR A 283 10.23 -16.11 -5.75
CA THR A 283 9.87 -17.53 -5.62
C THR A 283 8.62 -17.77 -4.79
N ASP A 284 7.95 -16.70 -4.38
CA ASP A 284 6.65 -16.81 -3.71
C ASP A 284 5.81 -15.61 -4.13
N VAL A 285 4.55 -15.60 -3.71
CA VAL A 285 3.63 -14.50 -4.02
C VAL A 285 4.28 -13.14 -3.83
N VAL A 286 4.12 -12.25 -4.80
CA VAL A 286 4.57 -10.87 -4.67
C VAL A 286 3.43 -10.04 -4.06
N ILE A 287 3.60 -9.72 -2.78
CA ILE A 287 2.56 -9.08 -1.97
C ILE A 287 2.55 -7.56 -2.12
N SER A 288 3.70 -6.99 -2.43
CA SER A 288 3.86 -5.54 -2.43
C SER A 288 4.83 -5.05 -3.50
N THR A 289 4.44 -3.97 -4.15
CA THR A 289 5.31 -3.23 -5.05
C THR A 289 5.20 -1.74 -4.74
N ALA A 290 6.27 -1.01 -5.01
CA ALA A 290 6.28 0.44 -4.91
C ALA A 290 7.07 1.02 -6.08
N CYS A 291 6.70 2.23 -6.49
CA CYS A 291 7.38 2.94 -7.56
C CYS A 291 8.12 4.17 -6.99
N HIS A 292 9.38 4.35 -7.40
CA HIS A 292 10.21 5.44 -6.89
C HIS A 292 9.66 6.80 -7.36
N PRO A 293 9.71 7.83 -6.49
CA PRO A 293 9.02 9.11 -6.80
C PRO A 293 9.53 9.90 -8.01
N THR A 294 10.82 9.79 -8.32
CA THR A 294 11.41 10.54 -9.43
C THR A 294 12.10 9.68 -10.51
N GLU A 295 12.52 8.47 -10.15
CA GLU A 295 13.29 7.61 -11.04
C GLU A 295 12.45 6.41 -11.41
N ASN A 296 12.71 5.85 -12.59
CA ASN A 296 12.00 4.65 -13.05
C ASN A 296 12.54 3.42 -12.33
N ILE A 297 12.15 3.29 -11.06
CA ILE A 297 12.61 2.19 -10.21
C ILE A 297 11.40 1.56 -9.51
N ILE A 298 11.35 0.24 -9.51
CA ILE A 298 10.32 -0.52 -8.80
C ILE A 298 10.96 -1.37 -7.71
N ALA A 299 10.32 -1.37 -6.54
CA ALA A 299 10.64 -2.32 -5.47
C ALA A 299 9.52 -3.35 -5.37
N SER A 300 9.89 -4.61 -5.17
CA SER A 300 8.92 -5.69 -4.99
C SER A 300 9.32 -6.56 -3.80
N ALA A 301 8.32 -7.19 -3.18
CA ALA A 301 8.57 -8.02 -2.01
C ALA A 301 7.65 -9.23 -2.02
N ALA A 302 8.15 -10.33 -1.46
CA ALA A 302 7.49 -11.62 -1.55
C ALA A 302 7.21 -12.24 -0.17
N LEU A 303 6.36 -13.25 -0.17
CA LEU A 303 5.87 -13.90 1.06
C LEU A 303 6.83 -15.01 1.56
N GLU A 304 6.35 -15.82 2.51
CA GLU A 304 7.17 -16.68 3.39
C GLU A 304 8.23 -17.56 2.73
N ASN A 305 7.93 -18.14 1.57
CA ASN A 305 8.85 -19.06 0.92
C ASN A 305 10.01 -18.36 0.21
N ASP A 306 9.92 -17.03 0.08
CA ASP A 306 10.92 -16.21 -0.61
C ASP A 306 11.58 -15.27 0.40
N LYS A 307 10.82 -14.30 0.89
CA LYS A 307 11.25 -13.34 1.92
C LYS A 307 12.23 -12.26 1.46
N THR A 308 12.54 -12.20 0.17
CA THR A 308 13.44 -11.16 -0.35
C THR A 308 12.68 -9.99 -0.96
N ILE A 309 13.39 -8.88 -1.05
CA ILE A 309 12.92 -7.66 -1.68
C ILE A 309 13.79 -7.46 -2.92
N LYS A 310 13.20 -6.99 -4.01
CA LYS A 310 13.96 -6.77 -5.23
C LYS A 310 13.77 -5.36 -5.77
N LEU A 311 14.86 -4.81 -6.30
CA LEU A 311 14.84 -3.48 -6.93
C LEU A 311 15.09 -3.65 -8.43
N TRP A 312 14.19 -3.10 -9.23
CA TRP A 312 14.23 -3.22 -10.69
C TRP A 312 14.33 -1.81 -11.30
N LYS A 313 15.09 -1.68 -12.39
CA LYS A 313 15.26 -0.37 -13.05
C LYS A 313 15.03 -0.44 -14.56
N SER A 314 14.46 0.63 -15.11
CA SER A 314 14.10 0.72 -16.53
C SER A 314 14.49 2.07 -17.10
N ASP A 315 14.50 2.16 -18.43
CA ASP A 315 14.84 3.40 -19.12
C ASP A 315 13.62 4.30 -19.40
N CYS A 316 12.42 3.78 -19.19
CA CYS A 316 11.19 4.56 -19.38
C CYS A 316 10.03 3.94 -18.62
N SER B 4 -9.99 10.58 -26.13
CA SER B 4 -11.23 10.52 -25.30
C SER B 4 -11.13 9.43 -24.25
N ASP B 5 -10.77 8.22 -24.66
CA ASP B 5 -10.59 7.10 -23.72
C ASP B 5 -9.30 7.21 -22.89
N ASP B 6 -8.38 8.08 -23.29
CA ASP B 6 -7.22 8.39 -22.47
C ASP B 6 -7.64 9.08 -21.17
N LEU B 7 -6.93 8.78 -20.09
CA LEU B 7 -7.16 9.42 -18.80
C LEU B 7 -5.86 10.06 -18.33
N ASP B 8 -5.95 11.30 -17.89
CA ASP B 8 -4.82 12.00 -17.28
C ASP B 8 -4.93 11.86 -15.77
N VAL B 9 -4.13 10.96 -15.20
CA VAL B 9 -4.14 10.68 -13.76
C VAL B 9 -3.22 11.58 -12.92
N VAL B 10 -2.40 12.41 -13.58
CA VAL B 10 -1.41 13.26 -12.88
C VAL B 10 -1.81 14.72 -12.86
N GLY B 11 -2.18 15.26 -14.01
CA GLY B 11 -2.42 16.69 -14.15
C GLY B 11 -3.87 17.08 -14.29
N ASP B 12 -4.09 18.30 -14.77
CA ASP B 12 -5.42 18.85 -15.06
C ASP B 12 -6.25 19.01 -13.79
N ASP C 1 8.87 -17.09 16.08
CA ASP C 1 8.01 -17.99 16.92
C ASP C 1 6.53 -17.68 16.66
N GLY C 2 5.65 -17.97 17.62
CA GLY C 2 4.22 -17.75 17.46
C GLY C 2 3.79 -16.29 17.35
N THR C 3 4.64 -15.38 17.79
CA THR C 3 4.36 -13.95 17.72
C THR C 3 4.65 -13.36 16.34
N CYS C 4 5.38 -14.09 15.50
CA CYS C 4 5.74 -13.60 14.17
C CYS C 4 4.62 -13.84 13.17
N VAL C 5 3.53 -13.09 13.33
CA VAL C 5 2.34 -13.27 12.51
C VAL C 5 1.78 -11.92 12.07
N ALA C 6 1.35 -11.83 10.82
CA ALA C 6 0.74 -10.61 10.27
C ALA C 6 -0.36 -10.97 9.29
N ALA C 7 -1.52 -10.33 9.45
CA ALA C 7 -2.72 -10.65 8.66
C ALA C 7 -2.51 -10.61 7.15
N ARG C 8 -1.78 -9.61 6.66
CA ARG C 8 -1.60 -9.47 5.22
C ARG C 8 -0.87 -10.68 4.59
N THR C 9 0.00 -11.33 5.36
CA THR C 9 0.78 -12.46 4.84
C THR C 9 0.08 -13.82 5.00
N ARG C 10 -1.16 -13.83 5.46
CA ARG C 10 -1.99 -15.03 5.52
C ARG C 10 -3.11 -14.91 4.49
N PRO C 11 -3.44 -16.03 3.81
CA PRO C 11 -4.51 -16.02 2.82
C PRO C 11 -5.90 -15.90 3.46
N VAL C 12 -6.87 -15.43 2.68
CA VAL C 12 -8.26 -15.30 3.16
C VAL C 12 -8.89 -16.66 3.44
#